data_8DHZ
#
_entry.id   8DHZ
#
_entity_poly.entity_id   1
_entity_poly.type   'polypeptide(L)'
_entity_poly.pdbx_seq_one_letter_code
;(ACE)GNHRSFSDKNGLTS(NH2)
;
_entity_poly.pdbx_strand_id   A
#
# COMPACT_ATOMS: atom_id res chain seq x y z
N GLY A 2 -10.38 1.63 5.99
CA GLY A 2 -9.21 0.83 5.65
C GLY A 2 -9.11 -0.44 6.46
N ASN A 3 -9.52 -1.57 5.84
CA ASN A 3 -9.48 -2.87 6.50
C ASN A 3 -8.62 -3.85 5.70
N HIS A 4 -8.95 -4.00 4.41
CA HIS A 4 -8.21 -4.88 3.51
C HIS A 4 -7.86 -4.12 2.23
N ARG A 5 -7.49 -2.85 2.43
CA ARG A 5 -7.12 -1.95 1.34
C ARG A 5 -5.60 -1.86 1.19
N SER A 6 -5.15 -1.75 -0.06
CA SER A 6 -3.73 -1.66 -0.37
C SER A 6 -3.30 -0.21 -0.63
N PHE A 7 -2.00 0.05 -0.43
CA PHE A 7 -1.41 1.40 -0.63
C PHE A 7 0.04 1.19 -1.03
N SER A 8 0.21 0.09 -1.74
CA SER A 8 1.51 -0.37 -2.17
C SER A 8 1.56 -0.61 -3.68
N ASP A 9 2.71 -0.27 -4.28
CA ASP A 9 2.91 -0.42 -5.73
C ASP A 9 4.20 -1.18 -6.02
N LYS A 10 4.10 -2.20 -6.88
CA LYS A 10 5.25 -3.02 -7.25
C LYS A 10 5.58 -2.85 -8.73
N ASN A 11 6.85 -2.60 -9.02
CA ASN A 11 7.32 -2.42 -10.40
C ASN A 11 8.52 -3.33 -10.69
N GLY A 12 8.59 -3.82 -11.92
CA GLY A 12 9.68 -4.70 -12.33
C GLY A 12 10.30 -4.28 -13.65
N LEU A 13 10.24 -5.19 -14.63
CA LEU A 13 10.80 -4.93 -15.96
C LEU A 13 9.77 -5.24 -17.05
N THR A 14 9.60 -4.30 -17.98
CA THR A 14 8.65 -4.44 -19.08
C THR A 14 9.24 -3.93 -20.38
N SER A 15 8.92 -4.62 -21.48
CA SER A 15 9.41 -4.25 -22.81
C SER A 15 8.34 -3.51 -23.60
N GLY A 2 -9.82 1.57 6.12
CA GLY A 2 -8.54 0.87 6.08
C GLY A 2 -8.61 -0.47 6.76
N ASN A 3 -9.19 -1.45 6.06
CA ASN A 3 -9.32 -2.82 6.58
C ASN A 3 -8.65 -3.83 5.65
N HIS A 4 -9.06 -3.79 4.37
CA HIS A 4 -8.51 -4.68 3.34
C HIS A 4 -8.10 -3.83 2.13
N ARG A 5 -7.53 -2.66 2.42
CA ARG A 5 -7.08 -1.72 1.41
C ARG A 5 -5.58 -1.85 1.16
N SER A 6 -5.15 -1.48 -0.06
CA SER A 6 -3.75 -1.55 -0.46
C SER A 6 -3.07 -0.20 -0.31
N PHE A 7 -1.74 -0.24 -0.09
CA PHE A 7 -0.92 0.98 0.08
C PHE A 7 0.48 0.63 -0.41
N SER A 8 0.47 -0.23 -1.42
CA SER A 8 1.67 -0.79 -2.00
C SER A 8 1.74 -0.54 -3.51
N ASP A 9 0.57 -0.54 -4.17
CA ASP A 9 0.48 -0.31 -5.61
C ASP A 9 0.26 1.16 -5.93
N LYS A 10 0.70 1.58 -7.13
CA LYS A 10 0.56 2.96 -7.57
C LYS A 10 -0.55 3.08 -8.62
N ASN A 11 -1.59 3.85 -8.28
CA ASN A 11 -2.74 4.06 -9.17
C ASN A 11 -3.16 5.53 -9.19
N GLY A 12 -3.14 6.17 -8.01
CA GLY A 12 -3.53 7.57 -7.89
C GLY A 12 -2.34 8.51 -7.91
N LEU A 13 -2.23 9.34 -6.88
CA LEU A 13 -1.13 10.30 -6.75
C LEU A 13 -0.04 9.77 -5.83
N THR A 14 1.20 10.19 -6.10
CA THR A 14 2.36 9.78 -5.30
C THR A 14 3.21 10.98 -4.90
N SER A 15 3.81 10.89 -3.71
CA SER A 15 4.66 11.96 -3.19
C SER A 15 6.03 11.42 -2.77
N GLY A 2 -10.27 1.59 5.97
CA GLY A 2 -9.05 0.85 5.72
C GLY A 2 -8.98 -0.44 6.51
N ASN A 3 -9.43 -1.53 5.89
CA ASN A 3 -9.42 -2.85 6.53
C ASN A 3 -8.61 -3.85 5.70
N HIS A 4 -8.98 -3.98 4.42
CA HIS A 4 -8.30 -4.86 3.48
C HIS A 4 -7.94 -4.09 2.21
N ARG A 5 -7.52 -2.84 2.42
CA ARG A 5 -7.16 -1.93 1.34
C ARG A 5 -5.64 -1.89 1.14
N SER A 6 -5.22 -1.67 -0.10
CA SER A 6 -3.80 -1.62 -0.45
C SER A 6 -3.32 -0.17 -0.58
N PHE A 7 -2.01 0.04 -0.37
CA PHE A 7 -1.38 1.36 -0.44
C PHE A 7 0.05 1.15 -0.88
N SER A 8 0.19 0.12 -1.70
CA SER A 8 1.46 -0.36 -2.20
C SER A 8 1.48 -0.43 -3.72
N ASP A 9 2.69 -0.36 -4.30
CA ASP A 9 2.87 -0.41 -5.75
C ASP A 9 3.29 -1.82 -6.19
N LYS A 10 2.57 -2.36 -7.18
CA LYS A 10 2.85 -3.69 -7.71
C LYS A 10 2.88 -3.68 -9.23
N ASN A 11 3.96 -4.20 -9.81
CA ASN A 11 4.13 -4.25 -11.26
C ASN A 11 4.57 -5.65 -11.70
N GLY A 12 3.88 -6.18 -12.72
CA GLY A 12 4.19 -7.50 -13.24
C GLY A 12 4.09 -7.57 -14.75
N LEU A 13 2.86 -7.51 -15.26
CA LEU A 13 2.60 -7.56 -16.70
C LEU A 13 2.36 -6.16 -17.26
N THR A 14 3.07 -5.85 -18.36
CA THR A 14 2.94 -4.54 -19.01
C THR A 14 2.08 -4.63 -20.27
N SER A 15 2.35 -5.65 -21.10
CA SER A 15 1.62 -5.87 -22.35
C SER A 15 0.56 -6.96 -22.17
N GLY A 2 -9.03 1.74 5.88
CA GLY A 2 -8.08 1.03 5.05
C GLY A 2 -7.54 -0.22 5.72
N ASN A 3 -8.13 -1.37 5.39
CA ASN A 3 -7.73 -2.65 5.96
C ASN A 3 -7.36 -3.64 4.85
N HIS A 4 -8.31 -3.87 3.93
CA HIS A 4 -8.11 -4.75 2.80
C HIS A 4 -8.50 -4.00 1.51
N ARG A 5 -8.16 -2.72 1.50
CA ARG A 5 -8.45 -1.83 0.38
C ARG A 5 -7.17 -1.24 -0.22
N SER A 6 -6.23 -0.85 0.65
CA SER A 6 -4.96 -0.27 0.22
C SER A 6 -3.78 -1.08 0.74
N PHE A 7 -2.68 -1.06 -0.02
CA PHE A 7 -1.45 -1.79 0.33
C PHE A 7 -0.28 -1.03 -0.29
N SER A 8 -0.50 0.28 -0.31
CA SER A 8 0.41 1.23 -0.91
C SER A 8 0.83 2.32 0.07
N ASP A 9 2.01 2.90 -0.17
CA ASP A 9 2.56 3.96 0.68
C ASP A 9 2.30 5.33 0.08
N LYS A 10 1.87 6.28 0.92
CA LYS A 10 1.58 7.65 0.48
C LYS A 10 2.24 8.65 1.41
N ASN A 11 3.02 9.57 0.82
CA ASN A 11 3.72 10.61 1.58
C ASN A 11 3.51 11.98 0.94
N GLY A 12 3.14 12.96 1.79
CA GLY A 12 2.91 14.31 1.31
C GLY A 12 3.28 15.36 2.34
N LEU A 13 4.53 15.81 2.30
CA LEU A 13 5.04 16.82 3.23
C LEU A 13 5.08 18.19 2.57
N THR A 14 4.83 19.23 3.37
CA THR A 14 4.82 20.62 2.88
C THR A 14 5.54 21.54 3.86
N SER A 15 6.53 22.27 3.34
CA SER A 15 7.32 23.21 4.15
C SER A 15 6.84 24.65 3.95
N GLY A 2 -9.21 0.96 5.06
CA GLY A 2 -9.97 0.19 6.04
C GLY A 2 -9.17 -0.97 6.58
N ASN A 3 -9.31 -2.14 5.94
CA ASN A 3 -8.61 -3.35 6.35
C ASN A 3 -7.76 -3.89 5.20
N HIS A 4 -8.40 -4.12 4.05
CA HIS A 4 -7.73 -4.61 2.85
C HIS A 4 -8.09 -3.71 1.66
N ARG A 5 -8.15 -2.41 1.95
CA ARG A 5 -8.49 -1.39 0.95
C ARG A 5 -7.24 -0.72 0.38
N SER A 6 -6.27 -0.45 1.25
CA SER A 6 -5.02 0.19 0.84
C SER A 6 -3.91 -0.85 0.66
N PHE A 7 -2.96 -0.54 -0.23
CA PHE A 7 -1.82 -1.42 -0.53
C PHE A 7 -0.67 -0.53 -0.95
N SER A 8 -0.66 0.63 -0.32
CA SER A 8 0.28 1.69 -0.60
C SER A 8 1.03 2.12 0.65
N ASP A 9 2.32 2.42 0.49
CA ASP A 9 3.17 2.85 1.60
C ASP A 9 3.35 4.37 1.61
N LYS A 10 3.12 4.97 2.78
CA LYS A 10 3.25 6.43 2.93
C LYS A 10 4.06 6.76 4.18
N ASN A 11 5.10 7.58 3.99
CA ASN A 11 5.97 8.00 5.09
C ASN A 11 6.17 9.52 5.09
N GLY A 12 6.24 10.10 6.30
CA GLY A 12 6.42 11.54 6.44
C GLY A 12 5.86 12.07 7.74
N LEU A 13 4.53 12.08 7.83
CA LEU A 13 3.83 12.57 9.02
C LEU A 13 2.95 11.47 9.62
N THR A 14 3.06 11.29 10.95
CA THR A 14 2.28 10.29 11.67
C THR A 14 1.07 10.92 12.37
N SER A 15 -0.04 10.19 12.37
CA SER A 15 -1.27 10.66 13.01
C SER A 15 -1.80 9.62 14.00
N GLY A 2 -9.16 1.90 5.85
CA GLY A 2 -8.91 0.74 5.01
C GLY A 2 -8.27 -0.40 5.76
N ASN A 3 -8.65 -1.63 5.39
CA ASN A 3 -8.11 -2.84 6.03
C ASN A 3 -7.46 -3.74 4.98
N HIS A 4 -8.25 -4.12 3.97
CA HIS A 4 -7.78 -4.97 2.87
C HIS A 4 -8.10 -4.29 1.53
N ARG A 5 -7.97 -2.96 1.55
CA ARG A 5 -8.25 -2.12 0.39
C ARG A 5 -7.01 -1.37 -0.07
N SER A 6 -6.09 -1.09 0.87
CA SER A 6 -4.84 -0.37 0.57
C SER A 6 -3.72 -1.34 0.22
N PHE A 7 -2.73 -0.84 -0.54
CA PHE A 7 -1.57 -1.64 -0.98
C PHE A 7 -0.41 -0.68 -1.15
N SER A 8 -0.46 0.33 -0.29
CA SER A 8 0.48 1.42 -0.29
C SER A 8 1.21 1.55 1.05
N ASP A 9 0.49 1.33 2.15
CA ASP A 9 1.05 1.42 3.50
C ASP A 9 1.37 0.03 4.04
N LYS A 10 2.45 -0.06 4.81
CA LYS A 10 2.88 -1.33 5.41
C LYS A 10 3.16 -1.17 6.90
N ASN A 11 2.51 -2.01 7.70
CA ASN A 11 2.66 -1.98 9.16
C ASN A 11 2.88 -3.39 9.71
N GLY A 12 3.77 -3.49 10.70
CA GLY A 12 4.08 -4.78 11.32
C GLY A 12 4.35 -4.67 12.81
N LEU A 13 5.18 -5.57 13.32
CA LEU A 13 5.53 -5.59 14.74
C LEU A 13 7.05 -5.64 14.92
N THR A 14 7.53 -4.99 15.98
CA THR A 14 8.96 -4.95 16.29
C THR A 14 9.32 -5.97 17.37
N SER A 15 10.35 -6.78 17.07
CA SER A 15 10.82 -7.82 17.99
C SER A 15 12.06 -7.35 18.74
N GLY A 2 -9.44 1.71 5.82
CA GLY A 2 -8.84 0.72 4.94
C GLY A 2 -8.25 -0.45 5.71
N ASN A 3 -8.65 -1.66 5.32
CA ASN A 3 -8.16 -2.88 5.96
C ASN A 3 -7.52 -3.81 4.93
N HIS A 4 -8.29 -4.16 3.90
CA HIS A 4 -7.82 -5.01 2.80
C HIS A 4 -8.12 -4.33 1.46
N ARG A 5 -7.97 -3.01 1.47
CA ARG A 5 -8.22 -2.16 0.32
C ARG A 5 -6.95 -1.44 -0.14
N SER A 6 -6.18 -0.93 0.84
CA SER A 6 -4.94 -0.21 0.55
C SER A 6 -3.72 -1.11 0.76
N PHE A 7 -2.72 -0.94 -0.11
CA PHE A 7 -1.46 -1.72 -0.05
C PHE A 7 -0.36 -0.84 -0.62
N SER A 8 -0.55 0.44 -0.36
CA SER A 8 0.31 1.50 -0.86
C SER A 8 0.86 2.36 0.27
N ASP A 9 2.09 2.85 0.07
CA ASP A 9 2.75 3.69 1.07
C ASP A 9 2.66 5.17 0.68
N LYS A 10 2.25 6.00 1.65
CA LYS A 10 2.11 7.44 1.43
C LYS A 10 3.33 8.20 1.97
N ASN A 11 3.78 7.81 3.17
CA ASN A 11 4.94 8.44 3.81
C ASN A 11 6.20 7.62 3.61
N GLY A 12 7.34 8.31 3.47
CA GLY A 12 8.62 7.65 3.28
C GLY A 12 9.69 8.17 4.19
N LEU A 13 10.65 7.30 4.55
CA LEU A 13 11.76 7.67 5.43
C LEU A 13 13.02 7.94 4.63
N THR A 14 13.83 8.89 5.12
CA THR A 14 15.08 9.26 4.46
C THR A 14 16.22 9.42 5.47
N SER A 15 15.93 10.12 6.58
CA SER A 15 16.92 10.35 7.64
C SER A 15 16.70 9.39 8.80
N GLY A 2 -9.30 1.54 5.27
CA GLY A 2 -10.18 0.39 5.10
C GLY A 2 -9.90 -0.71 6.09
N ASN A 3 -10.06 -1.96 5.65
CA ASN A 3 -9.82 -3.13 6.50
C ASN A 3 -8.76 -4.04 5.87
N HIS A 4 -8.99 -4.43 4.61
CA HIS A 4 -8.06 -5.28 3.87
C HIS A 4 -7.77 -4.64 2.50
N ARG A 5 -7.64 -3.31 2.54
CA ARG A 5 -7.37 -2.51 1.35
C ARG A 5 -5.88 -2.18 1.22
N SER A 6 -5.44 -1.93 -0.01
CA SER A 6 -4.03 -1.60 -0.29
C SER A 6 -3.82 -0.09 -0.34
N PHE A 7 -2.60 0.34 -0.01
CA PHE A 7 -2.22 1.76 0.00
C PHE A 7 -0.73 1.83 -0.30
N SER A 8 -0.33 0.87 -1.12
CA SER A 8 1.05 0.66 -1.49
C SER A 8 1.25 0.71 -3.01
N ASP A 9 0.28 0.16 -3.76
CA ASP A 9 0.35 0.14 -5.22
C ASP A 9 -0.51 1.26 -5.82
N LYS A 10 -0.02 1.84 -6.90
CA LYS A 10 -0.71 2.94 -7.60
C LYS A 10 -0.79 2.67 -9.09
N ASN A 11 -2.03 2.72 -9.63
CA ASN A 11 -2.26 2.48 -11.05
C ASN A 11 -3.16 3.58 -11.64
N GLY A 12 -2.73 4.14 -12.77
CA GLY A 12 -3.49 5.19 -13.43
C GLY A 12 -2.61 6.17 -14.17
N LEU A 13 -2.99 6.49 -15.41
CA LEU A 13 -2.23 7.41 -16.26
C LEU A 13 -3.15 8.51 -16.83
N THR A 14 -4.33 8.10 -17.28
CA THR A 14 -5.31 9.03 -17.86
C THR A 14 -6.71 8.77 -17.31
N SER A 15 -7.47 9.85 -17.15
CA SER A 15 -8.84 9.78 -16.63
C SER A 15 -9.86 9.87 -17.76
N GLY A 2 -9.25 2.11 5.88
CA GLY A 2 -8.85 0.88 5.19
C GLY A 2 -8.90 -0.34 6.11
N ASN A 3 -9.40 -1.45 5.57
CA ASN A 3 -9.51 -2.69 6.33
C ASN A 3 -8.76 -3.83 5.61
N HIS A 4 -9.15 -4.07 4.36
CA HIS A 4 -8.53 -5.09 3.51
C HIS A 4 -8.12 -4.46 2.18
N ARG A 5 -7.65 -3.22 2.27
CA ARG A 5 -7.24 -2.44 1.12
C ARG A 5 -5.77 -2.04 1.23
N SER A 6 -5.00 -2.33 0.18
CA SER A 6 -3.57 -2.02 0.13
C SER A 6 -3.21 -1.33 -1.18
N PHE A 7 -2.49 -0.20 -1.07
CA PHE A 7 -2.06 0.60 -2.23
C PHE A 7 -0.76 1.29 -1.83
N SER A 8 -0.03 0.56 -1.01
CA SER A 8 1.20 1.03 -0.42
C SER A 8 2.37 0.07 -0.69
N ASP A 9 2.09 -1.24 -0.57
CA ASP A 9 3.11 -2.26 -0.80
C ASP A 9 2.58 -3.36 -1.73
N LYS A 10 3.49 -3.95 -2.51
CA LYS A 10 3.13 -5.02 -3.45
C LYS A 10 4.07 -6.21 -3.29
N ASN A 11 3.47 -7.39 -3.09
CA ASN A 11 4.22 -8.63 -2.91
C ASN A 11 3.66 -9.75 -3.78
N GLY A 12 4.54 -10.63 -4.25
CA GLY A 12 4.13 -11.74 -5.09
C GLY A 12 5.30 -12.39 -5.81
N LEU A 13 6.14 -13.09 -5.04
CA LEU A 13 7.32 -13.77 -5.59
C LEU A 13 7.37 -15.23 -5.14
N THR A 14 7.07 -15.46 -3.86
CA THR A 14 7.09 -16.82 -3.29
C THR A 14 5.80 -17.10 -2.53
N SER A 15 5.36 -18.37 -2.57
CA SER A 15 4.14 -18.79 -1.90
C SER A 15 4.40 -19.99 -1.00
N GLY A 2 -9.45 1.89 5.44
CA GLY A 2 -8.93 0.64 4.87
C GLY A 2 -8.87 -0.47 5.89
N ASN A 3 -9.35 -1.66 5.49
CA ASN A 3 -9.36 -2.83 6.36
C ASN A 3 -8.60 -3.99 5.71
N HIS A 4 -9.04 -4.37 4.50
CA HIS A 4 -8.42 -5.44 3.73
C HIS A 4 -8.10 -4.92 2.32
N ARG A 5 -7.69 -3.66 2.27
CA ARG A 5 -7.36 -2.97 1.03
C ARG A 5 -5.91 -2.49 1.04
N SER A 6 -5.32 -2.41 -0.16
CA SER A 6 -3.93 -1.98 -0.33
C SER A 6 -3.86 -0.51 -0.75
N PHE A 7 -2.85 0.20 -0.23
CA PHE A 7 -2.64 1.63 -0.53
C PHE A 7 -1.14 1.89 -0.39
N SER A 8 -0.41 0.86 -0.74
CA SER A 8 1.03 0.82 -0.63
C SER A 8 1.71 0.52 -1.97
N ASP A 9 1.13 -0.41 -2.74
CA ASP A 9 1.68 -0.78 -4.05
C ASP A 9 0.58 -0.77 -5.12
N LYS A 10 0.79 0.03 -6.17
CA LYS A 10 -0.16 0.14 -7.27
C LYS A 10 0.55 0.10 -8.62
N ASN A 11 1.67 0.81 -8.73
CA ASN A 11 2.46 0.86 -9.96
C ASN A 11 3.94 0.56 -9.68
N GLY A 12 4.62 -0.02 -10.68
CA GLY A 12 6.03 -0.35 -10.54
C GLY A 12 6.93 0.69 -11.17
N LEU A 13 7.23 1.74 -10.40
CA LEU A 13 8.10 2.83 -10.87
C LEU A 13 9.30 3.00 -9.95
N THR A 14 10.43 3.41 -10.54
CA THR A 14 11.67 3.63 -9.79
C THR A 14 12.23 5.02 -10.04
N SER A 15 12.82 5.61 -9.00
CA SER A 15 13.41 6.94 -9.08
C SER A 15 14.93 6.87 -9.23
N GLY A 2 -10.12 1.34 6.16
CA GLY A 2 -9.64 0.34 5.21
C GLY A 2 -8.91 -0.80 5.88
N ASN A 3 -9.04 -1.99 5.30
CA ASN A 3 -8.40 -3.19 5.83
C ASN A 3 -7.48 -3.83 4.77
N HIS A 4 -8.05 -4.10 3.60
CA HIS A 4 -7.31 -4.69 2.48
C HIS A 4 -7.57 -3.85 1.21
N ARG A 5 -7.61 -2.54 1.42
CA ARG A 5 -7.87 -1.58 0.35
C ARG A 5 -6.56 -0.97 -0.18
N SER A 6 -5.63 -0.67 0.74
CA SER A 6 -4.34 -0.08 0.38
C SER A 6 -3.26 -1.17 0.31
N PHE A 7 -2.31 -0.96 -0.62
CA PHE A 7 -1.19 -1.90 -0.84
C PHE A 7 -0.02 -1.09 -1.37
N SER A 8 0.01 0.14 -0.88
CA SER A 8 0.96 1.13 -1.29
C SER A 8 1.76 1.68 -0.10
N ASP A 9 3.04 1.96 -0.35
CA ASP A 9 3.93 2.48 0.70
C ASP A 9 4.65 3.74 0.20
N LYS A 10 5.01 4.62 1.16
CA LYS A 10 5.70 5.86 0.85
C LYS A 10 7.10 5.87 1.47
N ASN A 11 8.12 6.01 0.63
CA ASN A 11 9.51 6.04 1.07
C ASN A 11 10.29 7.16 0.37
N GLY A 12 11.29 7.70 1.06
CA GLY A 12 12.11 8.77 0.51
C GLY A 12 13.42 8.26 -0.06
N LEU A 13 14.51 8.46 0.70
CA LEU A 13 15.84 8.03 0.27
C LEU A 13 16.23 6.72 0.97
N THR A 14 16.71 5.76 0.18
CA THR A 14 17.12 4.46 0.69
C THR A 14 18.64 4.29 0.60
N SER A 15 19.24 3.79 1.69
CA SER A 15 20.68 3.58 1.75
C SER A 15 20.99 2.14 2.18
N GLY A 2 -9.12 1.94 5.78
CA GLY A 2 -9.00 0.67 5.07
C GLY A 2 -9.01 -0.52 6.02
N ASN A 3 -9.50 -1.65 5.51
CA ASN A 3 -9.57 -2.89 6.31
C ASN A 3 -8.81 -4.01 5.61
N HIS A 4 -9.20 -4.30 4.37
CA HIS A 4 -8.56 -5.33 3.56
C HIS A 4 -8.14 -4.72 2.21
N ARG A 5 -7.71 -3.47 2.28
CA ARG A 5 -7.29 -2.69 1.11
C ARG A 5 -5.85 -2.23 1.25
N SER A 6 -5.05 -2.48 0.19
CA SER A 6 -3.64 -2.10 0.18
C SER A 6 -3.31 -1.32 -1.10
N PHE A 7 -2.71 -0.14 -0.92
CA PHE A 7 -2.32 0.75 -2.03
C PHE A 7 -1.13 1.57 -1.56
N SER A 8 -0.36 0.89 -0.73
CA SER A 8 0.80 1.46 -0.05
C SER A 8 2.06 0.65 -0.32
N ASP A 9 3.19 1.36 -0.45
CA ASP A 9 4.48 0.72 -0.69
C ASP A 9 5.35 0.72 0.56
N LYS A 10 6.09 -0.36 0.78
CA LYS A 10 6.97 -0.51 1.94
C LYS A 10 8.42 -0.18 1.58
N ASN A 11 8.87 -0.68 0.42
CA ASN A 11 10.23 -0.45 -0.06
C ASN A 11 10.23 0.08 -1.48
N GLY A 12 10.99 1.15 -1.70
CA GLY A 12 11.08 1.75 -3.03
C GLY A 12 12.35 2.56 -3.21
N LEU A 13 12.21 3.75 -3.80
CA LEU A 13 13.35 4.65 -4.05
C LEU A 13 13.06 6.04 -3.52
N THR A 14 14.06 6.63 -2.85
CA THR A 14 13.93 7.98 -2.28
C THR A 14 14.61 9.01 -3.19
N SER A 15 13.84 10.05 -3.54
CA SER A 15 14.34 11.13 -4.40
C SER A 15 14.71 12.35 -3.58
N GLY A 2 -9.63 1.73 6.12
CA GLY A 2 -8.57 0.81 5.75
C GLY A 2 -8.61 -0.49 6.54
N ASN A 3 -9.20 -1.52 5.93
CA ASN A 3 -9.32 -2.83 6.56
C ASN A 3 -8.69 -3.91 5.68
N HIS A 4 -9.16 -4.00 4.44
CA HIS A 4 -8.64 -4.95 3.45
C HIS A 4 -8.27 -4.21 2.17
N ARG A 5 -7.74 -3.01 2.37
CA ARG A 5 -7.34 -2.12 1.28
C ARG A 5 -5.85 -1.81 1.35
N SER A 6 -5.18 -1.92 0.19
CA SER A 6 -3.74 -1.65 0.09
C SER A 6 -3.45 -0.68 -1.05
N PHE A 7 -2.42 0.15 -0.86
CA PHE A 7 -1.99 1.15 -1.85
C PHE A 7 -0.51 1.37 -1.65
N SER A 8 0.13 0.28 -1.26
CA SER A 8 1.53 0.24 -0.93
C SER A 8 2.29 -0.79 -1.76
N ASP A 9 3.42 -0.37 -2.32
CA ASP A 9 4.26 -1.24 -3.14
C ASP A 9 5.72 -1.20 -2.68
N LYS A 10 6.44 -2.31 -2.89
CA LYS A 10 7.83 -2.42 -2.50
C LYS A 10 8.71 -2.73 -3.72
N ASN A 11 9.69 -1.85 -3.97
CA ASN A 11 10.60 -2.00 -5.11
C ASN A 11 12.05 -1.76 -4.67
N GLY A 12 12.98 -2.47 -5.30
CA GLY A 12 14.39 -2.34 -4.98
C GLY A 12 14.94 -3.52 -4.23
N LEU A 13 15.86 -3.25 -3.30
CA LEU A 13 16.48 -4.31 -2.48
C LEU A 13 15.84 -4.36 -1.10
N THR A 14 15.70 -5.57 -0.57
CA THR A 14 15.12 -5.79 0.76
C THR A 14 16.19 -6.02 1.81
N SER A 15 15.93 -5.53 3.03
CA SER A 15 16.86 -5.67 4.15
C SER A 15 16.45 -6.81 5.07
N GLY A 2 -8.36 1.50 5.32
CA GLY A 2 -9.21 0.33 5.43
C GLY A 2 -8.51 -0.85 6.09
N ASN A 3 -8.85 -2.06 5.64
CA ASN A 3 -8.26 -3.28 6.17
C ASN A 3 -7.61 -4.10 5.05
N HIS A 4 -8.42 -4.43 4.03
CA HIS A 4 -7.96 -5.18 2.87
C HIS A 4 -8.36 -4.43 1.60
N ARG A 5 -8.28 -3.10 1.69
CA ARG A 5 -8.63 -2.20 0.60
C ARG A 5 -7.44 -1.35 0.16
N SER A 6 -6.63 -0.91 1.13
CA SER A 6 -5.45 -0.09 0.86
C SER A 6 -4.18 -0.95 0.82
N PHE A 7 -3.19 -0.49 0.04
CA PHE A 7 -1.90 -1.20 -0.11
C PHE A 7 -0.86 -0.14 -0.41
N SER A 8 -1.10 1.01 0.18
CA SER A 8 -0.31 2.20 -0.01
C SER A 8 0.24 2.75 1.31
N ASP A 9 -0.59 2.71 2.36
CA ASP A 9 -0.21 3.20 3.68
C ASP A 9 0.07 2.04 4.63
N LYS A 10 1.21 2.10 5.31
CA LYS A 10 1.62 1.05 6.26
C LYS A 10 1.32 1.48 7.70
N ASN A 11 1.64 2.74 8.03
CA ASN A 11 1.41 3.28 9.37
C ASN A 11 0.14 4.12 9.42
N GLY A 12 -0.07 4.95 8.39
CA GLY A 12 -1.26 5.80 8.33
C GLY A 12 -0.96 7.23 8.77
N LEU A 13 -0.86 7.42 10.09
CA LEU A 13 -0.58 8.74 10.65
C LEU A 13 0.88 8.88 11.04
N THR A 14 1.48 10.02 10.68
CA THR A 14 2.89 10.29 10.98
C THR A 14 3.03 11.20 12.19
N SER A 15 4.05 10.94 13.01
CA SER A 15 4.31 11.73 14.22
C SER A 15 5.75 12.23 14.24
N GLY A 2 -9.64 1.90 6.05
CA GLY A 2 -9.17 0.71 5.34
C GLY A 2 -9.12 -0.51 6.23
N ASN A 3 -9.53 -1.66 5.67
CA ASN A 3 -9.54 -2.92 6.41
C ASN A 3 -8.70 -3.97 5.67
N HIS A 4 -9.06 -4.22 4.41
CA HIS A 4 -8.36 -5.17 3.55
C HIS A 4 -7.99 -4.49 2.23
N ARG A 5 -7.64 -3.21 2.35
CA ARG A 5 -7.28 -2.37 1.22
C ARG A 5 -5.84 -1.88 1.33
N SER A 6 -5.07 -2.07 0.26
CA SER A 6 -3.67 -1.65 0.22
C SER A 6 -3.38 -0.85 -1.05
N PHE A 7 -2.43 0.10 -0.94
CA PHE A 7 -2.02 0.96 -2.06
C PHE A 7 -0.58 1.35 -1.83
N SER A 8 0.11 0.39 -1.22
CA SER A 8 1.48 0.54 -0.80
C SER A 8 2.38 -0.57 -1.38
N ASP A 9 1.87 -1.80 -1.37
CA ASP A 9 2.61 -2.96 -1.89
C ASP A 9 1.75 -3.79 -2.83
N LYS A 10 2.39 -4.42 -3.81
CA LYS A 10 1.71 -5.24 -4.80
C LYS A 10 1.79 -6.73 -4.44
N ASN A 11 2.98 -7.17 -4.01
CA ASN A 11 3.20 -8.57 -3.63
C ASN A 11 3.85 -8.66 -2.25
N GLY A 12 3.29 -9.50 -1.38
CA GLY A 12 3.82 -9.68 -0.04
C GLY A 12 3.59 -11.08 0.49
N LEU A 13 4.62 -11.64 1.13
CA LEU A 13 4.56 -12.99 1.69
C LEU A 13 4.33 -12.94 3.20
N THR A 14 3.59 -13.93 3.71
CA THR A 14 3.27 -14.01 5.13
C THR A 14 4.20 -14.99 5.85
N SER A 15 4.39 -16.17 5.25
CA SER A 15 5.26 -17.20 5.82
C SER A 15 6.63 -17.21 5.14
N GLY A 2 -9.54 1.83 5.73
CA GLY A 2 -8.69 0.74 5.24
C GLY A 2 -8.74 -0.47 6.14
N ASN A 3 -9.30 -1.57 5.62
CA ASN A 3 -9.42 -2.81 6.37
C ASN A 3 -8.73 -3.96 5.60
N HIS A 4 -9.19 -4.18 4.36
CA HIS A 4 -8.63 -5.21 3.49
C HIS A 4 -8.23 -4.57 2.15
N ARG A 5 -7.72 -3.36 2.26
CA ARG A 5 -7.29 -2.56 1.11
C ARG A 5 -5.81 -2.21 1.20
N SER A 6 -5.09 -2.46 0.11
CA SER A 6 -3.65 -2.17 0.04
C SER A 6 -3.32 -1.34 -1.20
N PHE A 7 -2.68 -0.18 -0.96
CA PHE A 7 -2.28 0.76 -2.04
C PHE A 7 -1.06 1.51 -1.54
N SER A 8 -0.29 0.77 -0.74
CA SER A 8 0.87 1.28 -0.07
C SER A 8 2.14 0.48 -0.42
N ASP A 9 1.99 -0.84 -0.56
CA ASP A 9 3.10 -1.72 -0.89
C ASP A 9 3.11 -2.05 -2.39
N LYS A 10 4.28 -1.88 -3.02
CA LYS A 10 4.44 -2.14 -4.44
C LYS A 10 5.66 -3.04 -4.71
N ASN A 11 6.76 -2.75 -4.00
CA ASN A 11 8.00 -3.52 -4.14
C ASN A 11 8.13 -4.56 -3.03
N GLY A 12 8.71 -5.71 -3.37
CA GLY A 12 8.91 -6.77 -2.40
C GLY A 12 10.33 -6.83 -1.86
N LEU A 13 10.47 -7.39 -0.66
CA LEU A 13 11.79 -7.52 -0.02
C LEU A 13 12.34 -8.92 -0.19
N THR A 14 13.68 -9.01 -0.31
CA THR A 14 14.37 -10.28 -0.49
C THR A 14 14.95 -10.79 0.84
N SER A 15 15.61 -9.89 1.57
CA SER A 15 16.23 -10.23 2.85
C SER A 15 15.33 -9.78 4.02
N GLY A 2 -9.74 1.53 5.66
CA GLY A 2 -8.46 1.06 5.16
C GLY A 2 -7.98 -0.21 5.86
N ASN A 3 -8.50 -1.35 5.41
CA ASN A 3 -8.14 -2.65 5.98
C ASN A 3 -7.57 -3.57 4.89
N HIS A 4 -8.38 -3.79 3.84
CA HIS A 4 -8.00 -4.63 2.71
C HIS A 4 -8.21 -3.84 1.41
N ARG A 5 -7.92 -2.54 1.49
CA ARG A 5 -8.09 -1.61 0.38
C ARG A 5 -6.74 -1.00 -0.04
N SER A 6 -5.91 -0.67 0.95
CA SER A 6 -4.60 -0.07 0.70
C SER A 6 -3.50 -1.12 0.76
N PHE A 7 -2.57 -1.05 -0.21
CA PHE A 7 -1.44 -1.99 -0.31
C PHE A 7 -0.30 -1.25 -0.98
N SER A 8 -0.28 0.04 -0.67
CA SER A 8 0.65 0.98 -1.24
C SER A 8 1.47 1.71 -0.16
N ASP A 9 0.82 2.03 0.96
CA ASP A 9 1.48 2.72 2.08
C ASP A 9 1.87 1.74 3.17
N LYS A 10 3.15 1.83 3.59
CA LYS A 10 3.68 0.95 4.63
C LYS A 10 3.87 1.70 5.95
N ASN A 11 4.39 2.93 5.87
CA ASN A 11 4.63 3.77 7.04
C ASN A 11 3.90 5.10 6.92
N GLY A 12 3.40 5.60 8.06
CA GLY A 12 2.68 6.87 8.07
C GLY A 12 3.51 7.99 8.67
N LEU A 13 2.84 8.88 9.42
CA LEU A 13 3.50 10.01 10.06
C LEU A 13 3.15 10.08 11.56
N THR A 14 1.86 9.86 11.88
CA THR A 14 1.39 9.90 13.26
C THR A 14 1.22 8.49 13.82
N SER A 15 1.67 8.30 15.06
CA SER A 15 1.59 7.00 15.73
C SER A 15 0.42 6.97 16.71
N GLY A 2 -9.60 1.86 6.07
CA GLY A 2 -8.88 0.77 5.46
C GLY A 2 -8.88 -0.49 6.31
N ASN A 3 -9.38 -1.58 5.75
CA ASN A 3 -9.44 -2.87 6.46
C ASN A 3 -8.69 -3.94 5.67
N HIS A 4 -9.11 -4.14 4.42
CA HIS A 4 -8.49 -5.12 3.52
C HIS A 4 -8.13 -4.42 2.20
N ARG A 5 -7.68 -3.18 2.34
CA ARG A 5 -7.30 -2.33 1.22
C ARG A 5 -5.84 -1.91 1.31
N SER A 6 -5.11 -2.08 0.20
CA SER A 6 -3.69 -1.72 0.14
C SER A 6 -3.40 -0.82 -1.07
N PHE A 7 -2.46 0.10 -0.90
CA PHE A 7 -2.05 1.05 -1.96
C PHE A 7 -0.59 1.39 -1.71
N SER A 8 0.10 0.39 -1.20
CA SER A 8 1.48 0.49 -0.79
C SER A 8 2.34 -0.56 -1.48
N ASP A 9 3.56 -0.17 -1.85
CA ASP A 9 4.50 -1.06 -2.52
C ASP A 9 5.86 -1.04 -1.82
N LYS A 10 6.53 -2.19 -1.81
CA LYS A 10 7.85 -2.33 -1.18
C LYS A 10 8.83 -3.00 -2.13
N ASN A 11 9.98 -2.35 -2.35
CA ASN A 11 11.02 -2.87 -3.23
C ASN A 11 12.39 -2.80 -2.55
N GLY A 12 13.12 -3.92 -2.60
CA GLY A 12 14.44 -3.99 -2.00
C GLY A 12 14.43 -4.67 -0.65
N LEU A 13 14.05 -3.92 0.39
CA LEU A 13 13.99 -4.46 1.75
C LEU A 13 12.56 -4.80 2.14
N THR A 14 12.40 -5.87 2.93
CA THR A 14 11.09 -6.32 3.38
C THR A 14 11.12 -6.72 4.86
N SER A 15 10.03 -6.42 5.56
CA SER A 15 9.91 -6.75 6.99
C SER A 15 8.62 -7.53 7.26
N GLY A 2 -9.51 1.45 5.46
CA GLY A 2 -10.49 0.39 5.31
C GLY A 2 -10.25 -0.76 6.27
N ASN A 3 -10.34 -1.99 5.75
CA ASN A 3 -10.13 -3.19 6.56
C ASN A 3 -9.00 -4.04 5.97
N HIS A 4 -9.13 -4.38 4.68
CA HIS A 4 -8.13 -5.16 3.97
C HIS A 4 -7.76 -4.46 2.66
N ARG A 5 -7.68 -3.13 2.75
CA ARG A 5 -7.37 -2.27 1.61
C ARG A 5 -5.89 -1.88 1.61
N SER A 6 -5.31 -1.76 0.41
CA SER A 6 -3.91 -1.38 0.25
C SER A 6 -3.75 -0.13 -0.60
N PHE A 7 -2.65 0.60 -0.38
CA PHE A 7 -2.34 1.84 -1.11
C PHE A 7 -0.83 1.97 -1.14
N SER A 8 -0.22 0.80 -1.21
CA SER A 8 1.22 0.64 -1.17
C SER A 8 1.74 -0.12 -2.39
N ASP A 9 1.00 -1.14 -2.83
CA ASP A 9 1.39 -1.94 -3.99
C ASP A 9 0.64 -1.50 -5.24
N LYS A 10 1.38 -1.28 -6.32
CA LYS A 10 0.81 -0.84 -7.60
C LYS A 10 0.67 -2.01 -8.58
N ASN A 11 1.71 -2.86 -8.64
CA ASN A 11 1.71 -4.02 -9.53
C ASN A 11 2.06 -5.30 -8.76
N GLY A 12 1.37 -6.39 -9.08
CA GLY A 12 1.61 -7.67 -8.43
C GLY A 12 2.09 -8.74 -9.40
N LEU A 13 1.73 -10.00 -9.09
CA LEU A 13 2.12 -11.13 -9.93
C LEU A 13 0.90 -11.98 -10.26
N THR A 14 0.87 -12.50 -11.49
CA THR A 14 -0.24 -13.34 -11.97
C THR A 14 0.14 -14.81 -11.92
N SER A 15 -0.74 -15.63 -11.33
CA SER A 15 -0.52 -17.07 -11.21
C SER A 15 -1.71 -17.85 -11.76
N GLY A 2 -8.84 1.54 5.08
CA GLY A 2 -9.81 0.48 4.86
C GLY A 2 -9.74 -0.61 5.90
N ASN A 3 -10.00 -1.85 5.48
CA ASN A 3 -9.98 -3.01 6.37
C ASN A 3 -9.01 -4.07 5.83
N HIS A 4 -9.26 -4.51 4.59
CA HIS A 4 -8.42 -5.50 3.92
C HIS A 4 -8.01 -4.96 2.54
N ARG A 5 -7.75 -3.65 2.53
CA ARG A 5 -7.37 -2.92 1.31
C ARG A 5 -5.99 -2.29 1.46
N SER A 6 -5.26 -2.22 0.35
CA SER A 6 -3.91 -1.64 0.34
C SER A 6 -3.83 -0.49 -0.65
N PHE A 7 -2.95 0.48 -0.35
CA PHE A 7 -2.75 1.67 -1.20
C PHE A 7 -1.32 2.13 -0.98
N SER A 8 -0.49 1.13 -0.76
CA SER A 8 0.90 1.29 -0.43
C SER A 8 1.80 0.52 -1.39
N ASP A 9 3.00 1.06 -1.62
CA ASP A 9 3.98 0.43 -2.53
C ASP A 9 5.03 -0.33 -1.74
N LYS A 10 5.54 -1.42 -2.34
CA LYS A 10 6.57 -2.25 -1.72
C LYS A 10 7.74 -2.47 -2.67
N ASN A 11 8.95 -2.14 -2.20
CA ASN A 11 10.17 -2.29 -2.99
C ASN A 11 11.25 -2.99 -2.19
N GLY A 12 12.06 -3.80 -2.88
CA GLY A 12 13.15 -4.53 -2.23
C GLY A 12 14.36 -4.67 -3.13
N LEU A 13 15.39 -3.86 -2.85
CA LEU A 13 16.63 -3.89 -3.64
C LEU A 13 17.71 -4.66 -2.89
N THR A 14 18.49 -5.44 -3.64
CA THR A 14 19.58 -6.24 -3.08
C THR A 14 20.83 -6.18 -3.95
N SER A 15 21.96 -5.80 -3.35
CA SER A 15 23.23 -5.69 -4.05
C SER A 15 24.32 -6.49 -3.35
N GLY A 2 -8.31 1.54 5.26
CA GLY A 2 -9.14 0.35 5.34
C GLY A 2 -8.41 -0.82 6.00
N ASN A 3 -8.76 -2.04 5.58
CA ASN A 3 -8.16 -3.25 6.12
C ASN A 3 -7.54 -4.09 5.00
N HIS A 4 -8.37 -4.44 4.02
CA HIS A 4 -7.94 -5.21 2.85
C HIS A 4 -8.39 -4.50 1.58
N ARG A 5 -8.31 -3.17 1.63
CA ARG A 5 -8.70 -2.29 0.53
C ARG A 5 -7.52 -1.47 0.01
N SER A 6 -6.70 -0.97 0.94
CA SER A 6 -5.53 -0.15 0.59
C SER A 6 -4.24 -0.81 1.09
N PHE A 7 -3.15 -0.58 0.35
CA PHE A 7 -1.82 -1.13 0.70
C PHE A 7 -0.79 -0.17 0.15
N SER A 8 -1.19 1.10 0.19
CA SER A 8 -0.43 2.20 -0.33
C SER A 8 -0.21 3.28 0.72
N ASP A 9 1.05 3.72 0.85
CA ASP A 9 1.44 4.75 1.81
C ASP A 9 2.27 5.83 1.15
N LYS A 10 1.87 7.10 1.35
CA LYS A 10 2.58 8.25 0.78
C LYS A 10 2.87 9.30 1.85
N ASN A 11 1.87 9.59 2.69
CA ASN A 11 2.00 10.58 3.76
C ASN A 11 1.53 10.00 5.10
N GLY A 12 0.40 9.28 5.07
CA GLY A 12 -0.14 8.68 6.29
C GLY A 12 -1.53 8.12 6.07
N LEU A 13 -2.47 8.50 6.96
CA LEU A 13 -3.85 8.04 6.88
C LEU A 13 -4.82 9.23 6.94
N THR A 14 -5.77 9.25 6.00
CA THR A 14 -6.77 10.32 5.93
C THR A 14 -8.16 9.79 6.30
N SER A 15 -8.90 10.59 7.08
CA SER A 15 -10.25 10.22 7.52
C SER A 15 -11.24 11.34 7.19
N GLY A 2 -9.83 1.68 6.06
CA GLY A 2 -9.40 0.62 5.17
C GLY A 2 -8.63 -0.46 5.88
N ASN A 3 -8.86 -1.72 5.48
CA ASN A 3 -8.18 -2.87 6.08
C ASN A 3 -7.42 -3.66 5.02
N HIS A 4 -8.13 -4.05 3.95
CA HIS A 4 -7.54 -4.79 2.84
C HIS A 4 -7.93 -4.10 1.52
N ARG A 5 -7.91 -2.78 1.56
CA ARG A 5 -8.26 -1.94 0.42
C ARG A 5 -7.01 -1.39 -0.28
N SER A 6 -6.04 -0.94 0.51
CA SER A 6 -4.79 -0.38 -0.02
C SER A 6 -3.58 -1.09 0.59
N PHE A 7 -2.46 -1.08 -0.17
CA PHE A 7 -1.20 -1.72 0.26
C PHE A 7 -0.08 -0.95 -0.41
N SER A 8 -0.35 0.34 -0.57
CA SER A 8 0.52 1.27 -1.24
C SER A 8 0.86 2.47 -0.37
N ASP A 9 2.07 3.00 -0.56
CA ASP A 9 2.54 4.15 0.21
C ASP A 9 2.91 5.30 -0.71
N LYS A 10 2.40 6.49 -0.40
CA LYS A 10 2.67 7.70 -1.19
C LYS A 10 3.56 8.67 -0.42
N ASN A 11 4.42 9.38 -1.16
CA ASN A 11 5.34 10.35 -0.59
C ASN A 11 5.17 11.73 -1.23
N GLY A 12 5.25 12.78 -0.41
CA GLY A 12 5.11 14.14 -0.90
C GLY A 12 4.58 15.08 0.17
N LEU A 13 4.43 16.36 -0.21
CA LEU A 13 3.93 17.39 0.70
C LEU A 13 2.46 17.68 0.44
N THR A 14 1.69 17.84 1.52
CA THR A 14 0.26 18.13 1.42
C THR A 14 -0.15 19.20 2.44
N SER A 15 -1.11 20.03 2.04
CA SER A 15 -1.62 21.10 2.91
C SER A 15 -3.15 21.04 3.02
N GLY A 2 -9.09 1.95 5.54
CA GLY A 2 -8.92 0.65 4.91
C GLY A 2 -8.88 -0.48 5.92
N ASN A 3 -9.36 -1.66 5.50
CA ASN A 3 -9.38 -2.84 6.36
C ASN A 3 -8.62 -4.00 5.71
N HIS A 4 -9.06 -4.36 4.49
CA HIS A 4 -8.42 -5.42 3.71
C HIS A 4 -8.10 -4.89 2.31
N ARG A 5 -7.68 -3.63 2.28
CA ARG A 5 -7.36 -2.92 1.05
C ARG A 5 -5.90 -2.45 1.07
N SER A 6 -5.30 -2.40 -0.12
CA SER A 6 -3.90 -1.98 -0.27
C SER A 6 -3.82 -0.53 -0.75
N PHE A 7 -2.81 0.20 -0.25
CA PHE A 7 -2.59 1.62 -0.61
C PHE A 7 -1.10 1.87 -0.48
N SER A 8 -0.36 0.82 -0.79
CA SER A 8 1.07 0.78 -0.68
C SER A 8 1.73 0.41 -1.99
N ASP A 9 2.93 0.97 -2.23
CA ASP A 9 3.70 0.71 -3.44
C ASP A 9 5.04 0.07 -3.12
N LYS A 10 5.55 -0.73 -4.06
CA LYS A 10 6.83 -1.43 -3.89
C LYS A 10 7.85 -0.93 -4.91
N ASN A 11 8.95 -0.36 -4.38
CA ASN A 11 10.03 0.17 -5.22
C ASN A 11 11.39 -0.25 -4.69
N GLY A 12 12.25 -0.75 -5.60
CA GLY A 12 13.58 -1.18 -5.20
C GLY A 12 14.06 -2.36 -6.03
N LEU A 13 14.89 -2.08 -7.03
CA LEU A 13 15.44 -3.12 -7.91
C LEU A 13 16.96 -3.00 -7.99
N THR A 14 17.64 -4.17 -7.99
CA THR A 14 19.10 -4.21 -8.06
C THR A 14 19.56 -4.53 -9.48
N SER A 15 20.43 -3.67 -10.02
CA SER A 15 20.97 -3.84 -11.37
C SER A 15 22.39 -4.43 -11.31
N GLY A 2 -10.09 1.50 5.90
CA GLY A 2 -8.77 0.88 5.84
C GLY A 2 -8.70 -0.43 6.61
N ASN A 3 -9.24 -1.49 5.99
CA ASN A 3 -9.26 -2.82 6.60
C ASN A 3 -8.54 -3.83 5.70
N HIS A 4 -8.99 -3.91 4.44
CA HIS A 4 -8.39 -4.81 3.45
C HIS A 4 -8.08 -4.01 2.17
N ARG A 5 -7.61 -2.79 2.38
CA ARG A 5 -7.26 -1.87 1.30
C ARG A 5 -5.76 -1.88 1.03
N SER A 6 -5.38 -1.53 -0.21
CA SER A 6 -3.98 -1.49 -0.63
C SER A 6 -3.40 -0.09 -0.50
N PHE A 7 -2.08 -0.02 -0.29
CA PHE A 7 -1.35 1.26 -0.13
C PHE A 7 0.07 1.01 -0.61
N SER A 8 0.14 0.14 -1.60
CA SER A 8 1.38 -0.33 -2.17
C SER A 8 1.46 -0.07 -3.68
N ASP A 9 0.33 -0.28 -4.37
CA ASP A 9 0.26 -0.06 -5.81
C ASP A 9 -0.51 1.21 -6.14
N LYS A 10 0.14 2.10 -6.90
CA LYS A 10 -0.47 3.38 -7.30
C LYS A 10 -0.26 3.64 -8.79
N ASN A 11 0.96 3.37 -9.29
CA ASN A 11 1.29 3.58 -10.70
C ASN A 11 1.23 2.26 -11.47
N GLY A 12 0.83 2.35 -12.74
CA GLY A 12 0.74 1.17 -13.59
C GLY A 12 1.05 1.47 -15.04
N LEU A 13 0.14 2.19 -15.70
CA LEU A 13 0.30 2.56 -17.11
C LEU A 13 0.63 4.05 -17.25
N THR A 14 -0.08 4.88 -16.49
CA THR A 14 0.13 6.34 -16.52
C THR A 14 1.00 6.80 -15.35
N SER A 15 1.81 7.84 -15.60
CA SER A 15 2.70 8.39 -14.57
C SER A 15 2.10 9.66 -13.96
N GLY A 2 -9.24 1.93 5.70
CA GLY A 2 -8.75 0.71 5.08
C GLY A 2 -8.73 -0.45 6.05
N ASN A 3 -9.26 -1.60 5.59
CA ASN A 3 -9.31 -2.81 6.41
C ASN A 3 -8.61 -3.97 5.70
N HIS A 4 -9.08 -4.27 4.47
CA HIS A 4 -8.49 -5.31 3.64
C HIS A 4 -8.17 -4.75 2.25
N ARG A 5 -7.71 -3.50 2.27
CA ARG A 5 -7.36 -2.76 1.07
C ARG A 5 -5.89 -2.37 1.06
N SER A 6 -5.32 -2.25 -0.15
CA SER A 6 -3.91 -1.88 -0.32
C SER A 6 -3.76 -0.39 -0.61
N PHE A 7 -2.63 0.18 -0.18
CA PHE A 7 -2.32 1.61 -0.37
C PHE A 7 -0.81 1.74 -0.43
N SER A 8 -0.24 0.68 -1.01
CA SER A 8 1.20 0.51 -1.12
C SER A 8 1.62 0.30 -2.57
N ASP A 9 2.78 0.85 -2.92
CA ASP A 9 3.33 0.75 -4.27
C ASP A 9 4.41 -0.34 -4.33
N LYS A 10 4.53 -0.96 -5.51
CA LYS A 10 5.53 -2.02 -5.74
C LYS A 10 6.78 -1.47 -6.41
N ASN A 11 6.58 -0.59 -7.41
CA ASN A 11 7.69 0.02 -8.15
C ASN A 11 7.99 1.41 -7.63
N GLY A 12 9.27 1.67 -7.37
CA GLY A 12 9.70 2.98 -6.86
C GLY A 12 10.56 2.86 -5.62
N LEU A 13 11.87 2.76 -5.83
CA LEU A 13 12.84 2.65 -4.73
C LEU A 13 13.50 3.99 -4.42
N THR A 14 13.88 4.72 -5.49
CA THR A 14 14.53 6.03 -5.34
C THR A 14 13.52 7.17 -5.54
N SER A 15 12.71 7.05 -6.60
CA SER A 15 11.69 8.07 -6.92
C SER A 15 10.32 7.43 -7.09
#